data_3A0R
#
_entry.id   3A0R
#
_cell.length_a   110.594
_cell.length_b   110.594
_cell.length_c   352.508
_cell.angle_alpha   90.00
_cell.angle_beta   90.00
_cell.angle_gamma   90.00
#
_symmetry.space_group_name_H-M   'I 41 2 2'
#
loop_
_entity.id
_entity.type
_entity.pdbx_description
1 polymer 'Sensor protein'
2 polymer 'Response regulator'
3 non-polymer 'MERCURY (II) ION'
#
loop_
_entity_poly.entity_id
_entity_poly.type
_entity_poly.pdbx_seq_one_letter_code
_entity_poly.pdbx_strand_id
1 'polypeptide(L)'
;MLVEHLRNFSESILESLETAIITLSKDGRITEWNKKAEQLFGLKKENVLGRRLKDLPDFEEIGSVAESVFENKEPVFLNF
YKFGERYFNIRFSPFRNAKTQLLEGVIITIDDVTELYKYEEERKRRERLSILGEMTARVAHEIRNPITIIGGFIMRMKKH
LDDPETLKKYINIITNELSRLETIVKEILEYSKERQVLEFTEFNLNELIREVYVLFEEKIRKMNIDFCFETDNEDLRVEA
DRTRIKQVLINLVQNAIEATGENGKIKITSEDMYTKVRVSVWNSGPPIPEELKEKIFSPFFTTKTQGTGLGLSICRKIIE
DEHGGKIWTENRENGVVFIFEIPKTPEKR
;
A
2 'polypeptide(L)'
;(MSE)KRILVVDDEPNIRELLKEELQEEGYEIDTAENGEEALKKFFSGNYDLVILDIE(MSE)PGISGLEVAGEIRKKKK
DAKIILLTAYSHYRSD(MSE)SSWAADEYVVKSFNFDELKEKVKKLLS
;
B
#
# COMPACT_ATOMS: atom_id res chain seq x y z
N PHE A 9 35.64 -12.25 4.50
CA PHE A 9 36.45 -12.56 5.71
C PHE A 9 37.93 -12.22 5.51
N SER A 10 38.21 -10.93 5.33
CA SER A 10 39.55 -10.42 4.95
C SER A 10 39.85 -10.73 3.48
N GLU A 11 40.32 -9.74 2.71
CA GLU A 11 40.82 -8.46 3.19
C GLU A 11 39.74 -7.40 3.44
N SER A 12 40.15 -6.31 4.10
CA SER A 12 39.31 -5.11 4.28
C SER A 12 40.00 -3.81 3.78
N ILE A 13 40.93 -3.98 2.84
CA ILE A 13 41.40 -2.87 2.00
C ILE A 13 40.46 -2.81 0.79
N LEU A 14 40.20 -3.99 0.20
CA LEU A 14 39.25 -4.14 -0.89
C LEU A 14 37.89 -3.56 -0.51
N GLU A 15 37.45 -3.93 0.70
CA GLU A 15 36.18 -3.53 1.31
C GLU A 15 35.51 -2.29 0.73
N SER A 16 36.31 -1.30 0.33
CA SER A 16 35.79 0.06 0.09
C SER A 16 35.86 0.65 -1.33
N LEU A 17 36.21 -0.18 -2.32
CA LEU A 17 36.16 0.27 -3.71
C LEU A 17 35.03 -0.40 -4.52
N GLU A 18 33.77 -0.18 -4.11
CA GLU A 18 32.60 -0.84 -4.72
C GLU A 18 31.33 0.04 -4.67
N THR A 19 30.20 -0.52 -4.22
CA THR A 19 28.98 0.28 -3.99
C THR A 19 29.00 0.82 -2.56
N ALA A 20 27.92 0.64 -1.78
CA ALA A 20 27.86 1.26 -0.43
C ALA A 20 27.30 0.38 0.70
N ILE A 21 27.86 0.55 1.91
CA ILE A 21 27.56 -0.28 3.11
C ILE A 21 27.68 0.47 4.45
N ILE A 22 26.82 0.11 5.41
CA ILE A 22 26.84 0.71 6.75
C ILE A 22 26.52 -0.34 7.86
N THR A 23 27.32 -0.35 8.93
CA THR A 23 27.10 -1.29 10.06
C THR A 23 26.49 -0.62 11.28
N LEU A 24 25.34 -1.15 11.71
CA LEU A 24 24.74 -0.73 12.97
C LEU A 24 24.81 -1.87 13.97
N SER A 25 25.64 -1.69 15.00
CA SER A 25 25.72 -2.67 16.08
C SER A 25 24.54 -2.50 17.05
N LYS A 26 24.59 -3.16 18.22
CA LYS A 26 23.38 -3.36 19.05
C LYS A 26 22.64 -2.11 19.55
N ASP A 27 22.96 -0.94 19.01
CA ASP A 27 22.20 0.27 19.27
C ASP A 27 21.77 0.89 17.94
N GLY A 28 22.74 1.03 17.04
CA GLY A 28 22.57 1.76 15.79
C GLY A 28 23.77 2.63 15.52
N ARG A 29 24.96 2.10 15.81
CA ARG A 29 26.21 2.82 15.62
C ARG A 29 27.03 2.17 14.51
N ILE A 30 27.73 3.01 13.75
CA ILE A 30 28.43 2.55 12.56
C ILE A 30 29.89 2.27 12.86
N THR A 31 30.40 1.17 12.30
CA THR A 31 31.80 0.78 12.46
C THR A 31 32.59 1.04 11.18
N GLU A 32 31.91 0.97 10.04
CA GLU A 32 32.52 1.22 8.75
C GLU A 32 31.53 1.93 7.85
N TRP A 33 31.97 3.07 7.35
CA TRP A 33 31.20 3.93 6.49
C TRP A 33 31.92 3.87 5.16
N ASN A 34 31.37 3.08 4.24
CA ASN A 34 32.01 2.85 2.96
C ASN A 34 32.36 4.13 2.25
N LYS A 35 33.45 4.10 1.47
CA LYS A 35 33.91 5.25 0.72
C LYS A 35 32.89 5.73 -0.33
N LYS A 36 32.15 4.80 -0.91
CA LYS A 36 31.06 5.13 -1.84
C LYS A 36 29.80 5.57 -1.06
N ALA A 37 29.70 5.17 0.20
CA ALA A 37 28.67 5.71 1.10
C ALA A 37 28.85 7.23 1.27
N GLU A 38 30.07 7.65 1.59
CA GLU A 38 30.42 9.08 1.67
C GLU A 38 29.89 9.75 0.43
N GLN A 39 30.25 9.20 -0.72
CA GLN A 39 29.85 9.69 -2.03
C GLN A 39 28.38 9.44 -2.29
N LEU A 40 27.54 10.09 -1.49
CA LEU A 40 26.11 9.88 -1.54
C LEU A 40 25.48 10.64 -0.41
N PHE A 41 26.22 10.78 0.70
CA PHE A 41 25.69 11.41 1.89
C PHE A 41 26.56 12.58 2.35
N GLY A 42 27.53 12.95 1.51
CA GLY A 42 28.27 14.20 1.67
C GLY A 42 29.27 14.29 2.81
N LEU A 43 29.25 13.31 3.70
CA LEU A 43 30.17 13.30 4.84
C LEU A 43 31.08 12.07 4.89
N LYS A 44 32.27 12.27 5.42
CA LYS A 44 33.32 11.24 5.47
C LYS A 44 33.15 10.31 6.68
N LYS A 45 33.80 9.15 6.61
CA LYS A 45 33.74 8.10 7.62
C LYS A 45 33.96 8.60 9.06
N GLU A 46 35.04 9.35 9.26
CA GLU A 46 35.53 9.71 10.59
C GLU A 46 34.60 10.63 11.38
N ASN A 47 34.07 11.66 10.72
CA ASN A 47 33.20 12.62 11.39
C ASN A 47 31.76 12.13 11.49
N VAL A 48 31.54 10.87 11.15
CA VAL A 48 30.26 10.21 11.37
C VAL A 48 30.43 8.87 12.09
N LEU A 49 31.68 8.46 12.27
CA LEU A 49 32.02 7.17 12.92
C LEU A 49 31.44 7.01 14.32
N GLY A 50 30.82 5.85 14.56
CA GLY A 50 30.23 5.52 15.86
C GLY A 50 29.12 6.45 16.30
N ARG A 51 28.44 7.07 15.33
CA ARG A 51 27.28 7.90 15.63
C ARG A 51 26.02 7.10 15.36
N ARG A 52 24.91 7.56 15.90
CA ARG A 52 23.62 6.93 15.68
C ARG A 52 23.05 7.36 14.33
N LEU A 53 22.27 6.48 13.72
CA LEU A 53 21.85 6.66 12.32
C LEU A 53 20.58 7.48 12.15
N LYS A 54 19.72 7.48 13.16
CA LYS A 54 18.52 8.32 13.14
C LYS A 54 18.87 9.80 13.36
N ASP A 55 20.10 10.05 13.83
CA ASP A 55 20.61 11.41 14.12
C ASP A 55 20.64 12.36 12.91
N LEU A 56 20.66 11.77 11.71
CA LEU A 56 20.79 12.52 10.47
C LEU A 56 19.46 13.06 9.94
N PRO A 57 19.48 14.21 9.25
CA PRO A 57 18.27 14.84 8.72
C PRO A 57 17.77 14.19 7.43
N ASP A 58 16.50 14.46 7.09
CA ASP A 58 15.80 13.86 5.93
C ASP A 58 15.97 12.33 5.86
N PHE A 59 16.51 11.78 6.95
CA PHE A 59 16.99 10.41 7.00
C PHE A 59 15.93 9.54 7.66
N GLU A 60 15.95 9.53 8.99
CA GLU A 60 14.96 8.86 9.84
C GLU A 60 14.82 7.35 9.63
N GLU A 61 13.72 6.99 8.98
CA GLU A 61 13.21 5.61 8.90
C GLU A 61 14.26 4.53 8.70
N ILE A 62 15.28 4.83 7.91
CA ILE A 62 16.35 3.89 7.67
C ILE A 62 16.71 3.20 8.98
N GLY A 63 16.89 4.00 10.03
CA GLY A 63 17.07 3.50 11.38
C GLY A 63 15.87 2.69 11.86
N SER A 64 14.68 3.29 11.79
CA SER A 64 13.45 2.64 12.26
C SER A 64 13.21 1.30 11.58
N VAL A 65 13.75 1.16 10.37
CA VAL A 65 13.73 -0.11 9.66
C VAL A 65 14.71 -1.07 10.33
N ALA A 66 15.94 -0.62 10.54
CA ALA A 66 16.94 -1.42 11.26
C ALA A 66 16.45 -1.77 12.65
N GLU A 67 15.70 -0.86 13.25
CA GLU A 67 15.12 -1.03 14.57
C GLU A 67 14.27 -2.30 14.63
N SER A 68 13.12 -2.28 13.95
CA SER A 68 12.21 -3.43 13.94
C SER A 68 12.85 -4.68 13.34
N VAL A 69 13.99 -4.51 12.68
CA VAL A 69 14.80 -5.64 12.24
C VAL A 69 15.52 -6.22 13.45
N PHE A 70 15.98 -5.34 14.34
CA PHE A 70 16.56 -5.80 15.59
C PHE A 70 15.60 -6.58 16.46
N GLU A 71 14.31 -6.42 16.19
CA GLU A 71 13.27 -7.02 17.02
C GLU A 71 12.55 -8.18 16.32
N ASN A 72 12.45 -8.10 15.00
CA ASN A 72 11.84 -9.17 14.21
C ASN A 72 12.90 -10.10 13.62
N LYS A 73 14.17 -9.75 13.82
CA LYS A 73 15.30 -10.46 13.21
C LYS A 73 15.30 -10.29 11.68
N GLU A 74 14.56 -11.16 10.99
CA GLU A 74 14.57 -11.29 9.52
C GLU A 74 14.80 -10.02 8.67
N PRO A 75 15.77 -10.08 7.72
CA PRO A 75 16.23 -8.94 6.93
C PRO A 75 15.20 -8.45 5.91
N VAL A 76 15.50 -7.33 5.24
CA VAL A 76 14.64 -6.79 4.19
C VAL A 76 15.39 -6.25 2.98
N PHE A 77 14.78 -6.42 1.81
CA PHE A 77 15.13 -5.65 0.64
C PHE A 77 14.03 -4.62 0.40
N LEU A 78 14.44 -3.37 0.22
CA LEU A 78 13.54 -2.30 -0.16
C LEU A 78 13.80 -1.90 -1.59
N ASN A 79 12.76 -1.40 -2.26
CA ASN A 79 12.88 -0.87 -3.60
C ASN A 79 11.98 0.34 -3.68
N PHE A 80 12.54 1.47 -4.13
CA PHE A 80 11.78 2.72 -4.14
C PHE A 80 11.95 3.36 -2.77
N TYR A 81 12.94 4.24 -2.63
CA TYR A 81 13.05 5.09 -1.47
C TYR A 81 13.59 6.44 -1.86
N LYS A 82 12.75 7.46 -1.76
CA LYS A 82 13.16 8.82 -2.11
C LYS A 82 14.02 9.43 -1.02
N PHE A 83 15.28 9.68 -1.36
CA PHE A 83 16.16 10.48 -0.52
C PHE A 83 16.53 11.70 -1.34
N GLY A 84 16.06 12.86 -0.90
CA GLY A 84 16.24 14.09 -1.66
C GLY A 84 15.76 13.92 -3.08
N GLU A 85 16.65 14.17 -4.04
CA GLU A 85 16.32 14.12 -5.46
C GLU A 85 16.42 12.71 -6.06
N ARG A 86 17.18 11.84 -5.41
CA ARG A 86 17.40 10.51 -5.92
C ARG A 86 16.40 9.49 -5.37
N TYR A 87 16.03 8.54 -6.23
CA TYR A 87 15.29 7.35 -5.83
C TYR A 87 16.27 6.34 -5.23
N PHE A 88 15.77 5.34 -4.51
CA PHE A 88 16.65 4.29 -3.97
C PHE A 88 16.17 2.86 -3.81
N ASN A 89 17.15 1.97 -3.88
CA ASN A 89 17.04 0.59 -3.43
C ASN A 89 18.03 0.37 -2.28
N ILE A 90 17.59 -0.30 -1.22
CA ILE A 90 18.44 -0.57 -0.06
C ILE A 90 18.34 -2.03 0.32
N ARG A 91 19.35 -2.51 1.04
CA ARG A 91 19.43 -3.91 1.43
C ARG A 91 19.85 -4.06 2.88
N PHE A 92 18.93 -4.57 3.68
CA PHE A 92 19.17 -4.80 5.09
C PHE A 92 19.51 -6.26 5.34
N SER A 93 20.53 -6.49 6.17
CA SER A 93 21.01 -7.83 6.46
C SER A 93 21.65 -7.87 7.85
N PRO A 94 20.85 -8.18 8.88
CA PRO A 94 21.39 -8.43 10.22
C PRO A 94 22.24 -9.70 10.28
N PHE A 95 23.32 -9.64 11.06
CA PHE A 95 24.27 -10.75 11.18
C PHE A 95 24.72 -11.02 12.63
N ARG A 96 25.52 -12.06 12.78
CA ARG A 96 26.02 -12.49 14.09
C ARG A 96 27.51 -12.79 14.02
N ASN A 97 28.20 -12.65 15.16
CA ASN A 97 29.65 -12.92 15.25
C ASN A 97 29.93 -14.33 15.75
N ALA A 98 30.39 -15.19 14.84
CA ALA A 98 30.54 -16.64 15.09
C ALA A 98 31.30 -17.02 16.37
N LYS A 99 32.23 -16.17 16.79
CA LYS A 99 32.96 -16.40 18.04
C LYS A 99 32.01 -16.29 19.25
N THR A 100 31.11 -15.31 19.18
CA THR A 100 30.07 -15.11 20.20
C THR A 100 28.77 -15.78 19.80
N GLN A 101 28.44 -15.66 18.51
CA GLN A 101 27.16 -16.11 17.94
C GLN A 101 25.96 -15.38 18.53
N LEU A 102 26.22 -14.21 19.09
CA LEU A 102 25.17 -13.38 19.69
C LEU A 102 24.30 -12.70 18.64
N LEU A 103 23.60 -11.66 19.05
CA LEU A 103 22.63 -10.95 18.21
C LEU A 103 23.24 -9.61 17.75
N GLU A 104 24.30 -9.72 16.94
CA GLU A 104 25.36 -8.70 16.84
C GLU A 104 25.10 -7.34 16.16
N GLY A 105 24.97 -7.31 14.84
CA GLY A 105 24.85 -6.04 14.10
C GLY A 105 24.08 -6.14 12.78
N VAL A 106 23.82 -5.00 12.15
CA VAL A 106 23.02 -4.96 10.92
C VAL A 106 23.74 -4.33 9.73
N ILE A 107 23.66 -5.04 8.60
CA ILE A 107 24.33 -4.64 7.39
C ILE A 107 23.34 -4.00 6.44
N ILE A 108 23.52 -2.71 6.20
CA ILE A 108 22.69 -2.00 5.25
C ILE A 108 23.50 -1.82 3.99
N THR A 109 23.09 -2.49 2.92
CA THR A 109 23.71 -2.33 1.61
C THR A 109 22.88 -1.44 0.71
N ILE A 110 23.55 -0.58 -0.05
CA ILE A 110 22.82 0.31 -0.96
C ILE A 110 23.35 0.20 -2.38
N ASP A 111 22.41 0.01 -3.30
CA ASP A 111 22.69 -0.08 -4.72
C ASP A 111 22.60 1.32 -5.32
N ASP A 112 23.57 1.68 -6.17
CA ASP A 112 23.58 2.97 -6.86
C ASP A 112 22.40 3.04 -7.83
N VAL A 113 21.33 3.68 -7.39
CA VAL A 113 20.12 3.66 -8.17
C VAL A 113 19.55 5.05 -8.39
N THR A 114 19.35 5.35 -9.67
CA THR A 114 18.64 6.51 -10.19
C THR A 114 18.91 6.49 -11.67
N GLU A 115 20.19 6.40 -12.01
CA GLU A 115 20.64 6.19 -13.38
C GLU A 115 20.18 4.80 -13.81
N LEU A 116 18.93 4.49 -13.47
CA LEU A 116 18.33 3.21 -13.77
C LEU A 116 16.81 3.35 -13.79
N TYR A 117 16.22 3.63 -12.63
CA TYR A 117 14.76 3.74 -12.50
C TYR A 117 14.20 4.92 -13.25
N LYS A 118 15.05 5.93 -13.47
CA LYS A 118 14.70 7.05 -14.33
C LYS A 118 14.92 6.75 -15.82
N TYR A 119 15.67 5.69 -16.11
CA TYR A 119 15.84 5.25 -17.51
C TYR A 119 15.14 3.93 -17.81
N GLU A 120 14.30 3.49 -16.88
CA GLU A 120 13.21 2.57 -17.18
C GLU A 120 11.90 3.17 -16.72
N GLU A 121 11.93 4.49 -16.47
CA GLU A 121 10.72 5.29 -16.30
C GLU A 121 10.19 5.68 -17.67
N GLU A 122 11.07 6.19 -18.53
CA GLU A 122 10.69 6.76 -19.83
C GLU A 122 10.31 5.73 -20.91
N ARG A 123 10.54 4.46 -20.62
CA ARG A 123 9.99 3.37 -21.43
C ARG A 123 8.75 2.77 -20.78
N LYS A 124 8.33 3.37 -19.67
CA LYS A 124 7.10 2.99 -18.98
C LYS A 124 6.10 4.15 -18.94
N ARG A 125 6.39 5.15 -18.12
CA ARG A 125 5.51 6.31 -17.90
C ARG A 125 5.15 7.07 -19.19
N ARG A 126 6.12 7.26 -20.09
CA ARG A 126 5.87 7.89 -21.40
C ARG A 126 4.90 7.10 -22.26
N GLU A 127 4.69 5.83 -21.88
CA GLU A 127 3.70 4.98 -22.51
C GLU A 127 2.43 4.91 -21.63
N ARG A 128 2.56 5.33 -20.39
CA ARG A 128 1.42 5.40 -19.46
C ARG A 128 0.52 6.58 -19.78
N LEU A 129 1.09 7.60 -20.43
CA LEU A 129 0.35 8.77 -20.87
C LEU A 129 -0.73 8.35 -21.85
N SER A 130 -0.33 7.52 -22.81
CA SER A 130 -1.17 7.14 -23.94
C SER A 130 -2.49 6.49 -23.54
N ILE A 131 -2.41 5.43 -22.73
CA ILE A 131 -3.61 4.73 -22.26
C ILE A 131 -4.46 5.63 -21.35
N LEU A 132 -3.80 6.47 -20.57
CA LEU A 132 -4.50 7.46 -19.77
C LEU A 132 -5.09 8.57 -20.67
N GLY A 133 -5.14 8.30 -21.97
CA GLY A 133 -5.81 9.18 -22.91
C GLY A 133 -7.11 8.53 -23.35
N GLU A 134 -6.99 7.51 -24.19
CA GLU A 134 -8.12 6.74 -24.70
C GLU A 134 -9.01 6.28 -23.56
N MET A 135 -8.40 5.65 -22.57
CA MET A 135 -9.11 5.14 -21.40
C MET A 135 -9.67 6.29 -20.55
N THR A 136 -8.83 7.25 -20.19
CA THR A 136 -9.31 8.43 -19.47
C THR A 136 -10.67 8.81 -20.01
N ALA A 137 -10.75 8.92 -21.33
CA ALA A 137 -12.00 9.18 -22.02
C ALA A 137 -12.99 8.03 -21.81
N ARG A 138 -12.73 6.91 -22.48
CA ARG A 138 -13.65 5.76 -22.49
C ARG A 138 -14.26 5.43 -21.12
N VAL A 139 -13.49 5.63 -20.06
CA VAL A 139 -13.94 5.34 -18.70
C VAL A 139 -14.53 6.58 -18.03
N ALA A 140 -13.93 7.74 -18.31
CA ALA A 140 -14.50 8.99 -17.83
C ALA A 140 -15.97 9.05 -18.22
N HIS A 141 -16.31 8.32 -19.28
CA HIS A 141 -17.68 8.15 -19.70
C HIS A 141 -18.46 7.33 -18.69
N GLU A 142 -17.91 6.17 -18.31
CA GLU A 142 -18.51 5.30 -17.29
C GLU A 142 -18.73 6.04 -15.97
N ILE A 143 -18.26 7.29 -15.90
CA ILE A 143 -18.44 8.12 -14.72
C ILE A 143 -19.84 8.73 -14.70
N ARG A 144 -20.16 9.51 -15.73
CA ARG A 144 -21.46 10.17 -15.82
C ARG A 144 -22.65 9.23 -15.73
N ASN A 145 -22.48 8.02 -16.24
CA ASN A 145 -23.60 7.08 -16.33
C ASN A 145 -24.34 6.86 -15.01
N PRO A 146 -23.66 6.38 -13.95
CA PRO A 146 -24.35 6.41 -12.67
C PRO A 146 -24.44 7.81 -12.05
N ILE A 147 -23.57 8.74 -12.48
CA ILE A 147 -23.64 10.14 -12.02
C ILE A 147 -25.00 10.74 -12.31
N THR A 148 -25.47 10.55 -13.54
CA THR A 148 -26.75 11.07 -14.01
C THR A 148 -27.93 10.39 -13.30
N ILE A 149 -27.67 9.23 -12.71
CA ILE A 149 -28.68 8.50 -11.93
C ILE A 149 -28.70 9.02 -10.48
N ILE A 150 -27.54 9.05 -9.85
CA ILE A 150 -27.40 9.48 -8.45
C ILE A 150 -27.74 10.96 -8.29
N GLY A 151 -27.24 11.78 -9.21
CA GLY A 151 -27.61 13.19 -9.27
C GLY A 151 -29.06 13.34 -9.67
N GLY A 152 -29.50 12.47 -10.59
CA GLY A 152 -30.87 12.50 -11.13
C GLY A 152 -31.95 12.14 -10.14
N PHE A 153 -31.64 11.19 -9.24
CA PHE A 153 -32.58 10.82 -8.17
C PHE A 153 -32.70 11.90 -7.10
N ILE A 154 -31.68 12.74 -6.96
CA ILE A 154 -31.72 13.91 -6.07
C ILE A 154 -32.72 14.95 -6.63
N MET A 155 -32.84 14.99 -7.96
CA MET A 155 -33.88 15.77 -8.62
C MET A 155 -35.08 14.88 -8.96
N ARG A 156 -35.34 13.90 -8.07
CA ARG A 156 -36.46 12.97 -8.20
C ARG A 156 -37.11 12.63 -6.85
N MET A 157 -36.28 12.49 -5.82
CA MET A 157 -36.75 12.15 -4.47
C MET A 157 -37.15 13.38 -3.66
N LYS A 158 -36.72 14.56 -4.10
CA LYS A 158 -36.88 15.80 -3.34
C LYS A 158 -38.15 16.59 -3.75
N LYS A 159 -39.25 15.87 -3.98
CA LYS A 159 -40.53 16.48 -4.34
C LYS A 159 -41.74 15.64 -3.91
N HIS A 160 -41.53 14.69 -2.99
CA HIS A 160 -42.60 13.82 -2.49
C HIS A 160 -43.60 14.50 -1.53
N LEU A 161 -43.18 15.00 -0.37
CA LEU A 161 -41.80 14.93 0.15
C LEU A 161 -41.77 13.98 1.33
N ASP A 162 -40.62 13.32 1.50
CA ASP A 162 -40.42 12.26 2.51
C ASP A 162 -41.22 11.00 2.15
N ASP A 163 -40.53 10.02 1.58
CA ASP A 163 -41.13 8.77 1.15
C ASP A 163 -41.20 7.79 2.33
N PRO A 164 -42.13 6.81 2.29
CA PRO A 164 -42.19 5.71 3.25
C PRO A 164 -40.86 4.95 3.47
N GLU A 165 -39.76 5.70 3.53
CA GLU A 165 -38.41 5.20 3.87
C GLU A 165 -37.84 4.17 2.88
N THR A 166 -38.70 3.59 2.04
CA THR A 166 -38.31 2.58 1.06
C THR A 166 -37.35 3.13 -0.02
N LEU A 167 -37.24 4.45 -0.08
CA LEU A 167 -36.24 5.11 -0.93
C LEU A 167 -34.94 5.34 -0.17
N LYS A 168 -34.35 4.25 0.31
CA LYS A 168 -33.04 4.25 0.94
C LYS A 168 -32.16 3.17 0.32
N LYS A 169 -32.75 2.00 0.05
CA LYS A 169 -32.07 0.90 -0.63
C LYS A 169 -31.75 1.28 -2.07
N TYR A 170 -32.69 1.93 -2.74
CA TYR A 170 -32.56 2.35 -4.14
C TYR A 170 -31.78 3.67 -4.30
N ILE A 171 -31.47 4.31 -3.18
CA ILE A 171 -30.66 5.54 -3.19
C ILE A 171 -29.19 5.24 -2.86
N ASN A 172 -28.96 4.62 -1.71
CA ASN A 172 -27.61 4.34 -1.23
C ASN A 172 -26.81 3.36 -2.10
N ILE A 173 -27.41 2.22 -2.42
CA ILE A 173 -26.72 1.13 -3.15
C ILE A 173 -26.36 1.51 -4.61
N ILE A 174 -27.22 2.30 -5.25
CA ILE A 174 -26.94 2.80 -6.61
C ILE A 174 -25.92 3.94 -6.55
N THR A 175 -25.96 4.71 -5.46
CA THR A 175 -24.91 5.68 -5.14
C THR A 175 -23.63 4.94 -4.79
N ASN A 176 -23.79 3.80 -4.11
CA ASN A 176 -22.67 3.00 -3.63
C ASN A 176 -21.94 2.24 -4.73
N GLU A 177 -22.68 1.80 -5.75
CA GLU A 177 -22.09 1.02 -6.83
C GLU A 177 -21.17 1.86 -7.73
N LEU A 178 -21.42 3.17 -7.81
CA LEU A 178 -20.50 4.08 -8.46
C LEU A 178 -19.38 4.51 -7.51
N SER A 179 -19.68 4.55 -6.22
CA SER A 179 -18.72 4.97 -5.21
C SER A 179 -17.47 4.08 -5.14
N ARG A 180 -17.66 2.77 -5.07
CA ARG A 180 -16.55 1.80 -5.14
C ARG A 180 -16.02 1.66 -6.56
N LEU A 181 -16.76 2.19 -7.53
CA LEU A 181 -16.24 2.31 -8.89
C LEU A 181 -15.31 3.52 -8.92
N GLU A 182 -15.69 4.57 -8.21
CA GLU A 182 -14.82 5.72 -8.01
C GLU A 182 -13.52 5.25 -7.40
N THR A 183 -13.65 4.40 -6.38
CA THR A 183 -12.51 3.70 -5.79
C THR A 183 -11.77 2.98 -6.92
N ILE A 184 -12.37 1.93 -7.46
CA ILE A 184 -11.75 1.12 -8.53
C ILE A 184 -11.45 1.97 -9.79
N VAL A 185 -11.67 3.28 -9.69
CA VAL A 185 -11.19 4.23 -10.68
C VAL A 185 -9.99 5.00 -10.14
N LYS A 186 -10.13 5.63 -8.97
CA LYS A 186 -8.99 6.29 -8.37
C LYS A 186 -7.84 5.30 -8.21
N GLU A 187 -8.18 4.07 -7.82
CA GLU A 187 -7.22 2.97 -7.67
C GLU A 187 -6.43 2.76 -8.96
N ILE A 188 -7.09 2.97 -10.09
CA ILE A 188 -6.43 2.89 -11.38
C ILE A 188 -5.70 4.22 -11.65
N LEU A 189 -6.21 5.31 -11.07
CA LEU A 189 -5.55 6.59 -11.17
C LEU A 189 -4.25 6.61 -10.38
N GLU A 190 -4.19 5.75 -9.36
CA GLU A 190 -2.92 5.46 -8.68
C GLU A 190 -1.91 4.99 -9.71
N TYR A 191 -2.33 4.02 -10.51
CA TYR A 191 -1.48 3.32 -11.46
C TYR A 191 -0.68 4.26 -12.37
N SER A 192 -1.00 5.55 -12.30
CA SER A 192 -0.17 6.59 -12.92
C SER A 192 0.85 7.19 -11.94
N LYS A 193 0.36 7.64 -10.79
CA LYS A 193 1.11 8.58 -9.92
C LYS A 193 2.30 8.02 -9.10
N GLU A 194 2.27 6.73 -8.78
CA GLU A 194 3.36 6.13 -7.99
C GLU A 194 4.58 5.85 -8.86
N ARG A 195 5.35 4.81 -8.50
CA ARG A 195 6.52 4.33 -9.26
C ARG A 195 7.64 5.35 -9.39
N VAL A 197 6.27 2.88 -3.54
CA VAL A 197 7.23 2.05 -2.83
C VAL A 197 7.11 0.57 -3.22
N LEU A 198 8.19 -0.18 -3.03
CA LEU A 198 8.18 -1.64 -3.22
C LEU A 198 8.95 -2.29 -2.07
N GLU A 199 8.29 -3.14 -1.27
CA GLU A 199 8.91 -3.71 -0.05
C GLU A 199 8.92 -5.24 0.02
N PHE A 200 10.08 -5.82 -0.28
CA PHE A 200 10.24 -7.27 -0.33
C PHE A 200 10.58 -7.90 1.01
N THR A 201 9.80 -8.93 1.36
CA THR A 201 9.97 -9.69 2.60
C THR A 201 9.74 -11.18 2.39
N GLU A 202 10.35 -12.00 3.24
CA GLU A 202 10.08 -13.43 3.28
C GLU A 202 8.95 -13.69 4.27
N PHE A 203 8.05 -14.60 3.89
CA PHE A 203 6.87 -14.93 4.69
C PHE A 203 6.23 -16.14 4.06
N ASN A 204 5.48 -16.88 4.86
CA ASN A 204 4.73 -17.99 4.32
C ASN A 204 3.51 -17.50 3.55
N LEU A 205 3.51 -17.85 2.27
CA LEU A 205 2.46 -17.45 1.36
C LEU A 205 1.11 -17.85 1.89
N ASN A 206 0.97 -19.13 2.22
CA ASN A 206 -0.28 -19.62 2.74
C ASN A 206 -0.67 -18.84 3.98
N GLU A 207 0.33 -18.48 4.79
CA GLU A 207 0.08 -17.67 5.98
C GLU A 207 -0.54 -16.36 5.55
N LEU A 208 -0.21 -15.91 4.35
CA LEU A 208 -0.95 -14.84 3.75
C LEU A 208 -2.28 -15.39 3.25
N ILE A 209 -2.23 -16.42 2.39
CA ILE A 209 -3.44 -16.98 1.78
C ILE A 209 -4.61 -17.02 2.75
N ARG A 210 -4.41 -17.68 3.89
CA ARG A 210 -5.43 -17.71 4.91
C ARG A 210 -5.82 -16.29 5.21
N GLU A 211 -4.87 -15.54 5.74
CA GLU A 211 -5.07 -14.20 6.26
C GLU A 211 -6.14 -13.44 5.52
N VAL A 212 -6.07 -13.49 4.20
CA VAL A 212 -7.04 -12.80 3.38
C VAL A 212 -8.43 -13.36 3.68
N TYR A 213 -8.64 -14.63 3.35
CA TYR A 213 -9.94 -15.28 3.55
C TYR A 213 -10.57 -14.90 4.88
N VAL A 214 -9.71 -14.74 5.89
CA VAL A 214 -10.15 -14.39 7.25
C VAL A 214 -11.03 -13.15 7.21
N LEU A 215 -10.59 -12.14 6.46
CA LEU A 215 -11.28 -10.86 6.38
C LEU A 215 -12.63 -10.98 5.67
N PHE A 216 -12.62 -11.66 4.53
CA PHE A 216 -13.81 -11.86 3.71
C PHE A 216 -14.86 -12.67 4.47
N GLU A 217 -14.38 -13.70 5.15
CA GLU A 217 -15.19 -14.74 5.81
C GLU A 217 -16.67 -14.38 6.03
N GLU A 218 -16.92 -13.37 6.87
CA GLU A 218 -18.29 -13.00 7.28
C GLU A 218 -19.29 -12.94 6.14
N LYS A 219 -18.82 -12.56 4.95
CA LYS A 219 -19.67 -12.46 3.77
C LYS A 219 -19.77 -13.80 3.04
N ILE A 220 -18.64 -14.49 2.89
CA ILE A 220 -18.63 -15.81 2.25
C ILE A 220 -19.52 -16.75 3.03
N ARG A 221 -19.54 -16.53 4.35
CA ARG A 221 -20.44 -17.22 5.25
C ARG A 221 -21.89 -16.88 4.95
N LYS A 222 -22.15 -15.65 4.49
CA LYS A 222 -23.51 -15.24 4.13
C LYS A 222 -24.04 -15.99 2.92
N MET A 223 -23.26 -16.00 1.82
CA MET A 223 -23.67 -16.65 0.59
C MET A 223 -23.41 -18.16 0.56
N ASN A 224 -23.77 -18.83 1.65
CA ASN A 224 -23.44 -20.25 1.88
C ASN A 224 -22.57 -20.91 0.79
N ILE A 225 -21.27 -20.63 0.87
CA ILE A 225 -20.28 -20.97 -0.15
C ILE A 225 -19.42 -22.18 0.21
N ASP A 226 -19.53 -23.25 -0.58
CA ASP A 226 -18.63 -24.41 -0.47
C ASP A 226 -17.21 -23.99 -0.94
N PHE A 227 -16.60 -23.17 -0.11
CA PHE A 227 -15.21 -22.76 -0.23
C PHE A 227 -14.32 -23.99 -0.13
N CYS A 228 -13.18 -23.97 -0.82
CA CYS A 228 -12.31 -25.13 -0.89
C CYS A 228 -10.87 -24.66 -1.09
N PHE A 229 -9.99 -24.97 -0.14
CA PHE A 229 -8.57 -24.60 -0.28
C PHE A 229 -7.63 -25.79 -0.11
N GLU A 230 -6.87 -26.10 -1.16
CA GLU A 230 -5.87 -27.16 -1.13
C GLU A 230 -4.46 -26.61 -1.36
N THR A 231 -3.46 -27.39 -0.93
CA THR A 231 -2.05 -27.12 -1.21
C THR A 231 -1.24 -28.38 -0.91
N ASP A 232 -0.21 -28.64 -1.72
CA ASP A 232 0.64 -29.80 -1.49
C ASP A 232 1.74 -29.50 -0.47
N ASN A 233 1.84 -28.23 -0.07
CA ASN A 233 2.82 -27.77 0.90
C ASN A 233 2.27 -26.74 1.89
N GLU A 234 2.57 -26.94 3.16
CA GLU A 234 2.12 -26.05 4.23
C GLU A 234 3.25 -25.12 4.66
N ASP A 235 4.46 -25.42 4.19
CA ASP A 235 5.66 -24.61 4.43
C ASP A 235 6.09 -23.99 3.11
N LEU A 236 5.55 -22.80 2.84
CA LEU A 236 5.84 -22.13 1.57
C LEU A 236 6.16 -20.66 1.76
N ARG A 237 7.42 -20.32 1.50
CA ARG A 237 7.93 -18.97 1.72
C ARG A 237 8.20 -18.28 0.40
N VAL A 238 8.21 -16.94 0.42
CA VAL A 238 8.51 -16.14 -0.77
C VAL A 238 9.07 -14.78 -0.41
N GLU A 239 10.12 -14.37 -1.11
CA GLU A 239 10.61 -13.00 -1.04
C GLU A 239 9.73 -12.18 -1.98
N ALA A 240 9.01 -11.20 -1.42
CA ALA A 240 8.12 -10.32 -2.18
C ALA A 240 7.42 -9.28 -1.29
N ASP A 241 6.72 -8.31 -1.89
CA ASP A 241 6.00 -7.33 -1.09
C ASP A 241 4.68 -7.87 -0.59
N ARG A 242 4.75 -8.48 0.57
CA ARG A 242 3.60 -8.94 1.34
C ARG A 242 2.45 -7.95 1.25
N THR A 243 2.64 -6.79 1.89
CA THR A 243 1.66 -5.70 1.92
C THR A 243 0.89 -5.66 0.60
N ARG A 244 1.58 -6.03 -0.47
CA ARG A 244 1.10 -5.79 -1.83
C ARG A 244 0.61 -7.00 -2.59
N ILE A 245 1.39 -8.07 -2.63
CA ILE A 245 0.88 -9.31 -3.24
C ILE A 245 -0.40 -9.69 -2.48
N LYS A 246 -0.62 -8.95 -1.39
CA LYS A 246 -1.81 -8.99 -0.60
C LYS A 246 -3.01 -8.56 -1.43
N GLN A 247 -2.97 -7.31 -1.91
CA GLN A 247 -4.05 -6.78 -2.74
C GLN A 247 -4.40 -7.82 -3.77
N VAL A 248 -3.39 -8.23 -4.54
CA VAL A 248 -3.53 -9.22 -5.63
C VAL A 248 -4.58 -10.27 -5.31
N LEU A 249 -4.41 -10.87 -4.15
CA LEU A 249 -5.34 -11.86 -3.67
C LEU A 249 -6.70 -11.19 -3.46
N ILE A 250 -6.84 -10.37 -2.43
CA ILE A 250 -8.01 -9.48 -2.33
C ILE A 250 -8.81 -9.53 -3.63
N ASN A 251 -8.17 -9.06 -4.72
CA ASN A 251 -8.78 -8.97 -6.04
C ASN A 251 -8.20 -9.93 -7.05
N LEU A 252 -8.37 -11.20 -6.70
CA LEU A 252 -8.89 -12.27 -7.61
C LEU A 252 -10.18 -12.58 -6.89
N VAL A 253 -9.99 -12.94 -5.61
CA VAL A 253 -11.02 -13.29 -4.66
C VAL A 253 -12.25 -12.42 -4.82
N GLN A 254 -12.04 -11.10 -4.73
CA GLN A 254 -13.12 -10.16 -4.88
C GLN A 254 -14.06 -10.57 -6.00
N ASN A 255 -13.49 -10.77 -7.20
CA ASN A 255 -14.23 -11.14 -8.40
C ASN A 255 -14.86 -12.54 -8.32
N ALA A 256 -14.04 -13.53 -8.03
CA ALA A 256 -14.51 -14.88 -7.87
C ALA A 256 -15.40 -14.95 -6.65
N ILE A 257 -15.80 -13.81 -6.10
CA ILE A 257 -16.81 -13.79 -5.05
C ILE A 257 -18.26 -13.85 -5.59
N GLU A 258 -18.66 -12.81 -6.33
CA GLU A 258 -20.00 -12.78 -6.95
C GLU A 258 -19.96 -13.51 -8.29
N ALA A 259 -18.81 -13.44 -8.97
CA ALA A 259 -18.59 -14.17 -10.23
C ALA A 259 -19.11 -15.62 -10.15
N THR A 260 -19.18 -16.17 -8.94
CA THR A 260 -19.83 -17.44 -8.72
C THR A 260 -21.01 -17.26 -7.75
N GLY A 261 -20.98 -16.18 -6.98
CA GLY A 261 -22.14 -15.70 -6.22
C GLY A 261 -22.95 -16.67 -5.37
N GLU A 262 -24.27 -16.57 -5.48
CA GLU A 262 -25.20 -17.33 -4.64
C GLU A 262 -25.07 -18.83 -4.84
N ASN A 263 -24.97 -19.55 -3.72
CA ASN A 263 -24.65 -20.98 -3.69
C ASN A 263 -23.51 -21.35 -4.63
N GLY A 264 -22.55 -20.43 -4.74
CA GLY A 264 -21.39 -20.58 -5.60
C GLY A 264 -20.14 -21.01 -4.86
N LYS A 265 -19.18 -21.53 -5.61
CA LYS A 265 -17.99 -22.17 -5.04
C LYS A 265 -16.69 -21.48 -5.49
N ILE A 266 -15.70 -21.49 -4.61
CA ILE A 266 -14.44 -20.79 -4.83
C ILE A 266 -13.28 -21.65 -4.34
N LYS A 267 -12.40 -22.05 -5.26
CA LYS A 267 -11.29 -22.96 -4.91
C LYS A 267 -9.91 -22.28 -5.03
N ILE A 268 -9.21 -22.18 -3.90
CA ILE A 268 -7.86 -21.61 -3.90
C ILE A 268 -6.81 -22.70 -3.90
N THR A 269 -5.72 -22.47 -4.62
CA THR A 269 -4.67 -23.46 -4.78
C THR A 269 -3.28 -22.82 -4.81
N SER A 270 -2.43 -23.22 -3.86
CA SER A 270 -1.04 -22.78 -3.84
C SER A 270 -0.10 -23.99 -3.96
N GLU A 271 0.50 -24.14 -5.14
CA GLU A 271 1.29 -25.33 -5.46
C GLU A 271 2.77 -24.99 -5.62
N ASP A 272 3.59 -25.57 -4.75
CA ASP A 272 5.02 -25.35 -4.75
C ASP A 272 5.70 -25.96 -5.98
N MET A 273 6.53 -25.17 -6.64
CA MET A 273 7.39 -25.67 -7.70
C MET A 273 8.84 -25.19 -7.49
N TYR A 274 9.77 -26.13 -7.62
CA TYR A 274 11.20 -25.95 -7.33
C TYR A 274 11.69 -24.50 -7.14
N THR A 275 11.38 -23.64 -8.10
CA THR A 275 11.85 -22.25 -8.08
C THR A 275 10.74 -21.21 -7.99
N LYS A 276 9.51 -21.61 -8.31
CA LYS A 276 8.40 -20.67 -8.34
C LYS A 276 7.10 -21.25 -7.76
N VAL A 277 6.18 -20.37 -7.36
CA VAL A 277 4.89 -20.78 -6.78
C VAL A 277 3.70 -20.40 -7.67
N ARG A 278 2.59 -21.13 -7.53
CA ARG A 278 1.42 -20.92 -8.36
C ARG A 278 0.14 -20.81 -7.51
N VAL A 279 -0.39 -19.60 -7.37
CA VAL A 279 -1.66 -19.44 -6.68
C VAL A 279 -2.76 -19.17 -7.68
N SER A 280 -3.84 -19.95 -7.52
CA SER A 280 -4.98 -19.99 -8.44
C SER A 280 -6.32 -19.87 -7.68
N VAL A 281 -7.21 -19.02 -8.17
CA VAL A 281 -8.57 -18.94 -7.62
C VAL A 281 -9.60 -19.32 -8.67
N TRP A 282 -10.03 -20.59 -8.61
CA TRP A 282 -11.07 -21.11 -9.50
C TRP A 282 -12.46 -20.94 -8.90
N ASN A 283 -13.36 -20.39 -9.70
CA ASN A 283 -14.78 -20.37 -9.38
C ASN A 283 -15.57 -21.03 -10.50
N SER A 284 -16.86 -21.23 -10.26
CA SER A 284 -17.72 -21.91 -11.21
C SER A 284 -18.67 -20.94 -11.90
N GLY A 285 -19.32 -21.41 -12.97
CA GLY A 285 -20.45 -20.71 -13.59
C GLY A 285 -20.30 -20.32 -15.05
N PRO A 286 -20.09 -19.01 -15.30
CA PRO A 286 -19.83 -18.44 -16.62
C PRO A 286 -18.34 -18.18 -16.87
N PRO A 287 -17.70 -19.02 -17.72
CA PRO A 287 -16.31 -18.77 -18.12
C PRO A 287 -16.19 -17.51 -18.98
N ILE A 288 -15.00 -17.25 -19.52
CA ILE A 288 -14.82 -16.19 -20.53
C ILE A 288 -13.98 -16.69 -21.72
N PRO A 289 -14.35 -16.28 -22.95
CA PRO A 289 -13.88 -16.93 -24.18
C PRO A 289 -12.42 -16.67 -24.57
N GLU A 290 -12.03 -17.22 -25.72
CA GLU A 290 -10.67 -17.13 -26.26
C GLU A 290 -10.16 -15.69 -26.37
N GLU A 291 -11.06 -14.77 -26.71
CA GLU A 291 -10.72 -13.37 -27.00
C GLU A 291 -10.31 -12.61 -25.76
N LEU A 292 -10.97 -12.90 -24.63
CA LEU A 292 -10.75 -12.19 -23.37
C LEU A 292 -9.63 -12.80 -22.51
N LYS A 293 -8.89 -13.76 -23.07
CA LYS A 293 -7.73 -14.36 -22.40
C LYS A 293 -6.74 -13.28 -21.98
N GLU A 294 -6.58 -12.28 -22.84
CA GLU A 294 -5.76 -11.12 -22.55
C GLU A 294 -6.58 -9.82 -22.48
N LYS A 295 -7.65 -9.75 -23.26
CA LYS A 295 -8.40 -8.49 -23.47
C LYS A 295 -9.23 -7.97 -22.27
N ILE A 296 -9.03 -8.54 -21.10
CA ILE A 296 -9.56 -7.98 -19.85
C ILE A 296 -8.41 -7.37 -19.05
N PHE A 297 -7.18 -7.65 -19.50
CA PHE A 297 -5.96 -7.17 -18.87
C PHE A 297 -5.88 -5.64 -18.83
N SER A 298 -6.00 -5.00 -20.01
CA SER A 298 -6.09 -3.54 -20.12
C SER A 298 -7.30 -3.04 -19.31
N PRO A 299 -7.27 -1.78 -18.80
CA PRO A 299 -8.20 -1.24 -17.79
C PRO A 299 -9.61 -1.88 -17.71
N PHE A 300 -10.22 -2.07 -18.89
CA PHE A 300 -11.51 -2.76 -19.15
C PHE A 300 -12.23 -3.61 -18.09
N PHE A 301 -13.53 -3.33 -17.97
CA PHE A 301 -14.44 -3.90 -16.96
C PHE A 301 -15.46 -4.83 -17.66
N THR A 302 -16.37 -5.43 -16.89
CA THR A 302 -17.28 -6.49 -17.41
C THR A 302 -18.79 -6.11 -17.34
N THR A 303 -19.66 -7.10 -17.54
CA THR A 303 -21.10 -6.96 -17.27
C THR A 303 -21.46 -7.48 -15.88
N LEU A 310 -15.65 -5.80 -13.46
CA LEU A 310 -14.34 -6.02 -12.83
C LEU A 310 -13.41 -4.76 -12.83
N GLY A 311 -12.16 -4.91 -13.29
CA GLY A 311 -11.12 -3.87 -13.21
C GLY A 311 -9.83 -4.48 -12.70
N LEU A 312 -9.25 -5.36 -13.52
CA LEU A 312 -8.05 -6.10 -13.15
C LEU A 312 -6.87 -5.15 -13.14
N SER A 313 -6.51 -4.67 -14.33
CA SER A 313 -5.59 -3.55 -14.43
C SER A 313 -4.35 -3.78 -13.55
N ILE A 314 -4.23 -2.98 -12.49
CA ILE A 314 -3.13 -3.00 -11.50
C ILE A 314 -2.60 -4.37 -11.26
N CYS A 315 -3.55 -5.29 -11.12
CA CYS A 315 -3.26 -6.69 -10.81
C CYS A 315 -2.47 -7.37 -11.91
N ARG A 316 -2.56 -6.82 -13.12
CA ARG A 316 -1.62 -7.21 -14.16
C ARG A 316 -0.22 -6.83 -13.68
N LYS A 317 0.07 -5.52 -13.67
CA LYS A 317 1.44 -5.01 -13.43
C LYS A 317 2.00 -5.34 -12.06
N ILE A 318 1.11 -5.66 -11.10
CA ILE A 318 1.55 -6.04 -9.76
C ILE A 318 2.39 -7.31 -9.91
N ILE A 319 1.75 -8.45 -10.17
CA ILE A 319 2.51 -9.65 -10.48
C ILE A 319 3.45 -9.34 -11.63
N GLU A 320 2.88 -9.02 -12.79
CA GLU A 320 3.61 -8.96 -14.05
C GLU A 320 4.86 -8.06 -14.08
N ASP A 321 4.72 -6.82 -13.63
CA ASP A 321 5.81 -5.84 -13.76
C ASP A 321 6.55 -5.53 -12.45
N GLU A 322 5.85 -5.59 -11.32
CA GLU A 322 6.45 -5.28 -10.02
C GLU A 322 7.38 -6.43 -9.58
N HIS A 323 6.79 -7.58 -9.27
CA HIS A 323 7.57 -8.77 -8.88
C HIS A 323 8.17 -9.44 -10.10
N GLY A 324 7.38 -9.45 -11.18
CA GLY A 324 7.70 -10.24 -12.37
C GLY A 324 6.69 -11.37 -12.46
N GLY A 325 6.81 -12.18 -13.50
CA GLY A 325 5.94 -13.34 -13.68
C GLY A 325 4.65 -13.05 -14.45
N LYS A 326 3.60 -13.79 -14.11
CA LYS A 326 2.34 -13.74 -14.86
C LYS A 326 1.13 -13.84 -13.94
N ILE A 327 0.00 -13.36 -14.42
CA ILE A 327 -1.25 -13.30 -13.64
C ILE A 327 -2.48 -13.69 -14.52
N TRP A 328 -2.24 -14.51 -15.54
CA TRP A 328 -3.27 -14.87 -16.55
C TRP A 328 -4.42 -15.73 -16.01
N THR A 329 -5.33 -16.12 -16.91
CA THR A 329 -6.52 -16.95 -16.57
C THR A 329 -6.96 -17.88 -17.69
N GLU A 330 -7.79 -18.87 -17.34
CA GLU A 330 -8.33 -19.85 -18.28
C GLU A 330 -9.70 -20.34 -17.85
N ASN A 331 -10.39 -20.97 -18.80
CA ASN A 331 -11.64 -21.68 -18.52
C ASN A 331 -11.33 -23.08 -18.00
N ARG A 332 -12.26 -23.65 -17.23
CA ARG A 332 -12.23 -25.08 -16.85
C ARG A 332 -13.34 -25.47 -15.87
N GLU A 333 -13.77 -26.73 -15.98
CA GLU A 333 -14.74 -27.34 -15.07
C GLU A 333 -16.04 -26.53 -14.96
N ASN A 334 -16.50 -26.04 -16.10
CA ASN A 334 -17.63 -25.12 -16.17
C ASN A 334 -17.44 -23.96 -15.16
N GLY A 335 -16.30 -23.26 -15.33
CA GLY A 335 -15.90 -22.12 -14.50
C GLY A 335 -14.55 -21.57 -14.94
N VAL A 336 -14.06 -20.53 -14.24
CA VAL A 336 -12.78 -19.91 -14.59
C VAL A 336 -11.85 -19.72 -13.39
N VAL A 337 -10.55 -19.68 -13.67
CA VAL A 337 -9.51 -19.61 -12.64
C VAL A 337 -8.63 -18.36 -12.84
N PHE A 338 -8.04 -17.88 -11.75
CA PHE A 338 -7.15 -16.70 -11.79
C PHE A 338 -5.74 -16.99 -11.20
N ILE A 339 -4.78 -17.27 -12.10
CA ILE A 339 -3.48 -17.84 -11.72
C ILE A 339 -2.31 -16.88 -11.89
N PHE A 340 -1.37 -16.92 -10.95
CA PHE A 340 -0.13 -16.16 -11.08
C PHE A 340 1.05 -16.95 -10.58
N GLU A 341 2.24 -16.58 -11.04
CA GLU A 341 3.48 -17.27 -10.69
C GLU A 341 4.64 -16.31 -10.49
N ILE A 342 5.21 -16.29 -9.28
CA ILE A 342 6.38 -15.47 -8.99
C ILE A 342 7.44 -16.29 -8.26
N PRO A 343 8.67 -16.33 -8.81
CA PRO A 343 9.75 -17.04 -8.14
C PRO A 343 9.93 -16.55 -6.71
N LYS A 344 10.40 -17.45 -5.84
CA LYS A 344 10.60 -17.14 -4.43
C LYS A 344 11.47 -15.91 -4.25
N THR A 345 12.65 -15.94 -4.87
CA THR A 345 13.60 -14.83 -4.78
C THR A 345 13.66 -14.05 -6.10
N PRO A 346 13.21 -12.79 -6.07
CA PRO A 346 13.22 -11.89 -7.23
C PRO A 346 14.63 -11.63 -7.71
N GLU A 347 15.59 -11.93 -6.85
CA GLU A 347 17.01 -11.84 -7.17
C GLU A 347 17.36 -12.62 -8.45
N LYS A 348 16.44 -13.51 -8.86
CA LYS A 348 16.48 -14.11 -10.20
C LYS A 348 15.64 -13.29 -11.17
N ARG A 349 16.34 -12.43 -11.93
CA ARG A 349 15.73 -11.55 -12.95
C ARG A 349 16.79 -11.20 -14.00
N LYS B 2 -11.84 12.73 24.40
CA LYS B 2 -10.59 12.95 23.67
C LYS B 2 -10.73 14.13 22.71
N ARG B 3 -9.63 14.86 22.49
CA ARG B 3 -9.63 16.01 21.60
C ARG B 3 -8.69 15.81 20.41
N ILE B 4 -9.21 16.00 19.20
CA ILE B 4 -8.45 15.76 17.96
C ILE B 4 -8.27 17.05 17.14
N LEU B 5 -7.12 17.17 16.50
CA LEU B 5 -6.83 18.26 15.59
C LEU B 5 -6.89 17.76 14.14
N VAL B 6 -7.89 18.22 13.40
CA VAL B 6 -8.09 17.80 12.01
C VAL B 6 -7.76 18.94 11.05
N VAL B 7 -6.86 18.67 10.10
CA VAL B 7 -6.34 19.70 9.20
C VAL B 7 -6.55 19.32 7.72
N ASP B 8 -7.15 20.25 6.97
CA ASP B 8 -7.36 20.11 5.52
C ASP B 8 -7.56 21.47 4.83
N ASP B 9 -7.48 21.49 3.50
CA ASP B 9 -7.47 22.73 2.71
C ASP B 9 -8.82 23.43 2.56
N GLU B 10 -9.79 22.76 1.95
CA GLU B 10 -11.10 23.35 1.68
C GLU B 10 -11.90 23.55 2.95
N PRO B 11 -12.56 24.71 3.08
CA PRO B 11 -13.44 24.99 4.22
C PRO B 11 -14.66 24.06 4.28
N ASN B 12 -15.15 23.63 3.13
CA ASN B 12 -16.31 22.73 3.05
C ASN B 12 -16.03 21.30 3.50
N ILE B 13 -14.77 20.88 3.41
CA ILE B 13 -14.40 19.52 3.77
C ILE B 13 -14.13 19.35 5.27
N ARG B 14 -13.66 20.41 5.92
CA ARG B 14 -13.36 20.37 7.36
C ARG B 14 -14.62 20.30 8.20
N GLU B 15 -15.62 21.10 7.82
CA GLU B 15 -16.89 21.20 8.54
C GLU B 15 -17.66 19.87 8.49
N LEU B 16 -17.34 19.04 7.50
CA LEU B 16 -18.00 17.75 7.31
C LEU B 16 -17.53 16.71 8.33
N LEU B 17 -16.22 16.66 8.57
CA LEU B 17 -15.64 15.71 9.52
C LEU B 17 -15.85 16.10 10.98
N LYS B 18 -15.71 17.40 11.28
CA LYS B 18 -15.90 17.90 12.64
C LYS B 18 -17.17 17.31 13.26
N GLU B 19 -18.26 17.36 12.49
CA GLU B 19 -19.58 16.90 12.95
C GLU B 19 -19.85 15.42 12.66
N GLU B 20 -18.82 14.70 12.23
CA GLU B 20 -18.89 13.25 12.09
C GLU B 20 -18.21 12.54 13.25
N LEU B 21 -17.20 13.20 13.81
CA LEU B 21 -16.47 12.67 14.97
C LEU B 21 -17.05 13.16 16.29
N GLN B 22 -17.80 14.26 16.25
CA GLN B 22 -18.58 14.73 17.39
C GLN B 22 -19.85 13.87 17.58
N GLU B 23 -20.12 13.01 16.59
CA GLU B 23 -21.20 12.03 16.66
C GLU B 23 -20.75 10.79 17.45
N GLU B 24 -19.53 10.32 17.17
CA GLU B 24 -18.93 9.18 17.85
C GLU B 24 -18.70 9.43 19.35
N GLY B 25 -18.07 10.57 19.66
CA GLY B 25 -17.82 10.96 21.05
C GLY B 25 -16.52 11.71 21.24
N TYR B 26 -16.30 12.74 20.41
CA TYR B 26 -15.07 13.54 20.46
C TYR B 26 -15.37 15.03 20.32
N GLU B 27 -14.34 15.86 20.51
CA GLU B 27 -14.42 17.30 20.28
C GLU B 27 -13.34 17.72 19.27
N ILE B 28 -13.76 18.40 18.20
CA ILE B 28 -12.86 18.75 17.09
C ILE B 28 -12.46 20.24 17.08
N ASP B 29 -11.15 20.49 17.15
CA ASP B 29 -10.60 21.83 16.93
C ASP B 29 -9.91 21.85 15.56
N THR B 30 -10.43 22.66 14.65
CA THR B 30 -10.01 22.66 13.25
C THR B 30 -8.86 23.63 12.95
N ALA B 31 -7.87 23.14 12.22
CA ALA B 31 -6.76 23.95 11.73
C ALA B 31 -6.73 23.94 10.20
N GLU B 32 -6.12 24.97 9.60
CA GLU B 32 -6.15 25.14 8.13
C GLU B 32 -4.85 24.79 7.39
N ASN B 33 -3.78 25.54 7.61
CA ASN B 33 -2.51 25.27 6.95
C ASN B 33 -1.48 24.61 7.89
N GLY B 34 -0.45 24.01 7.29
CA GLY B 34 0.57 23.28 8.03
C GLY B 34 1.40 24.13 8.98
N GLU B 35 1.45 25.42 8.70
CA GLU B 35 2.19 26.36 9.54
C GLU B 35 1.36 26.79 10.75
N GLU B 36 0.05 26.63 10.65
CA GLU B 36 -0.87 26.93 11.76
C GLU B 36 -1.31 25.63 12.47
N ALA B 37 -1.08 24.50 11.82
CA ALA B 37 -1.31 23.19 12.43
C ALA B 37 -0.23 22.89 13.47
N LEU B 38 0.98 23.41 13.23
CA LEU B 38 2.09 23.29 14.16
C LEU B 38 1.85 24.06 15.46
N LYS B 39 1.37 25.29 15.33
CA LYS B 39 1.05 26.15 16.47
C LYS B 39 -0.12 25.63 17.31
N LYS B 40 -1.02 24.88 16.67
CA LYS B 40 -2.19 24.30 17.34
C LYS B 40 -1.88 22.95 18.03
N PHE B 41 -0.60 22.59 18.06
CA PHE B 41 -0.18 21.32 18.65
C PHE B 41 0.86 21.50 19.77
N PHE B 42 1.66 22.57 19.68
CA PHE B 42 2.80 22.78 20.59
C PHE B 42 2.44 23.04 22.07
N SER B 43 1.69 24.11 22.32
CA SER B 43 1.36 24.50 23.71
C SER B 43 -0.02 23.99 24.15
N GLY B 44 -0.27 22.70 23.96
CA GLY B 44 -1.53 22.07 24.35
C GLY B 44 -1.44 20.58 24.59
N ASN B 45 -2.58 19.90 24.53
CA ASN B 45 -2.66 18.45 24.72
C ASN B 45 -3.58 17.77 23.69
N TYR B 46 -2.98 17.18 22.66
CA TYR B 46 -3.72 16.52 21.58
C TYR B 46 -3.21 15.09 21.32
N ASP B 47 -4.12 14.12 21.42
CA ASP B 47 -3.79 12.69 21.37
C ASP B 47 -3.88 12.06 19.97
N LEU B 48 -4.07 12.88 18.94
CA LEU B 48 -4.25 12.41 17.55
C LEU B 48 -4.27 13.57 16.55
N VAL B 49 -3.97 13.27 15.29
CA VAL B 49 -4.00 14.27 14.21
C VAL B 49 -4.31 13.64 12.85
N ILE B 50 -5.15 14.31 12.06
CA ILE B 50 -5.50 13.85 10.72
C ILE B 50 -5.04 14.88 9.69
N LEU B 51 -4.27 14.44 8.70
CA LEU B 51 -3.62 15.35 7.76
C LEU B 51 -3.78 14.97 6.29
N ASP B 52 -3.84 15.99 5.45
CA ASP B 52 -3.81 15.83 4.00
C ASP B 52 -2.36 15.84 3.52
N ILE B 53 -2.14 16.22 2.27
CA ILE B 53 -0.79 16.40 1.73
C ILE B 53 -0.68 17.66 0.84
N GLU B 54 -1.37 17.65 -0.29
CA GLU B 54 -1.22 18.74 -1.27
C GLU B 54 -1.89 20.02 -0.79
N PRO B 56 -1.16 24.51 0.42
CA PRO B 56 -0.33 25.72 0.50
C PRO B 56 0.45 25.79 1.81
N GLY B 57 1.62 26.42 1.75
CA GLY B 57 2.56 26.45 2.87
C GLY B 57 3.60 25.36 2.70
N ILE B 58 3.24 24.15 3.10
CA ILE B 58 4.08 22.96 2.93
C ILE B 58 3.24 21.69 2.73
N SER B 59 3.89 20.58 2.36
CA SER B 59 3.22 19.32 2.09
C SER B 59 2.93 18.54 3.36
N GLY B 60 1.69 18.05 3.49
CA GLY B 60 1.26 17.24 4.63
C GLY B 60 2.24 16.14 4.97
N LEU B 61 2.96 15.70 3.93
CA LEU B 61 4.09 14.81 4.07
C LEU B 61 5.06 15.38 5.08
N GLU B 62 5.67 16.50 4.72
CA GLU B 62 6.64 17.18 5.56
C GLU B 62 6.01 17.62 6.89
N VAL B 63 4.72 17.95 6.84
CA VAL B 63 3.96 18.37 8.03
C VAL B 63 3.98 17.31 9.12
N ALA B 64 3.63 16.08 8.75
CA ALA B 64 3.62 14.96 9.67
C ALA B 64 5.01 14.71 10.27
N GLY B 65 6.04 14.92 9.46
CA GLY B 65 7.42 14.75 9.89
C GLY B 65 7.87 15.74 10.94
N GLU B 66 7.18 16.88 11.00
CA GLU B 66 7.44 17.91 12.01
C GLU B 66 6.82 17.52 13.35
N ILE B 67 5.78 16.71 13.31
CA ILE B 67 5.09 16.23 14.51
C ILE B 67 5.83 15.04 15.12
N ARG B 68 6.58 14.32 14.29
CA ARG B 68 7.30 13.13 14.72
C ARG B 68 8.61 13.44 15.46
N LYS B 69 9.39 14.40 14.94
CA LYS B 69 10.67 14.77 15.54
C LYS B 69 10.55 15.46 16.89
N LYS B 70 9.57 16.35 17.02
CA LYS B 70 9.26 17.01 18.30
C LYS B 70 8.71 16.00 19.31
N LYS B 71 7.45 15.59 19.12
CA LYS B 71 6.82 14.61 20.01
C LYS B 71 7.09 13.19 19.49
N LYS B 72 7.99 12.50 20.19
CA LYS B 72 8.40 11.13 19.85
C LYS B 72 7.20 10.17 19.84
N ASP B 73 6.36 10.30 20.86
CA ASP B 73 5.15 9.47 20.99
C ASP B 73 3.89 10.26 20.58
N ALA B 74 3.93 10.80 19.36
CA ALA B 74 2.77 11.46 18.76
C ALA B 74 1.97 10.47 17.92
N LYS B 75 0.69 10.76 17.73
CA LYS B 75 -0.21 9.87 17.00
C LYS B 75 -0.58 10.48 15.65
N ILE B 76 0.06 10.00 14.57
CA ILE B 76 -0.17 10.56 13.24
C ILE B 76 -0.92 9.62 12.30
N ILE B 77 -2.19 9.95 12.06
CA ILE B 77 -2.97 9.31 11.02
C ILE B 77 -2.98 10.21 9.79
N LEU B 78 -2.52 9.66 8.68
CA LEU B 78 -2.59 10.38 7.41
C LEU B 78 -3.84 10.04 6.65
N LEU B 79 -4.42 11.07 6.05
CA LEU B 79 -5.62 10.94 5.26
C LEU B 79 -5.61 12.11 4.28
N THR B 80 -4.77 11.97 3.27
CA THR B 80 -4.69 12.99 2.22
C THR B 80 -5.86 12.82 1.25
N ALA B 81 -6.08 13.85 0.42
CA ALA B 81 -7.17 13.86 -0.57
C ALA B 81 -6.97 12.84 -1.70
N TYR B 82 -5.74 12.38 -1.86
CA TYR B 82 -5.38 11.40 -2.90
C TYR B 82 -4.82 10.13 -2.23
N SER B 83 -5.71 9.29 -1.72
CA SER B 83 -5.34 8.15 -0.86
C SER B 83 -5.55 6.79 -1.50
N HIS B 84 -4.55 5.91 -1.34
CA HIS B 84 -4.57 4.57 -1.91
C HIS B 84 -3.98 3.53 -0.96
N TYR B 85 -2.75 3.12 -1.23
CA TYR B 85 -2.03 2.17 -0.40
C TYR B 85 -0.66 2.73 -0.03
N ARG B 86 -0.64 3.50 1.07
CA ARG B 86 0.59 4.01 1.69
C ARG B 86 1.86 3.66 0.89
N SER B 87 2.23 4.53 -0.04
CA SER B 87 3.28 4.22 -1.00
C SER B 87 4.41 5.25 -1.17
N ASP B 88 4.42 6.29 -0.33
CA ASP B 88 5.53 7.25 -0.30
C ASP B 88 6.42 6.97 0.92
N SER B 90 7.96 8.82 3.23
CA SER B 90 7.74 9.58 4.48
C SER B 90 6.69 9.01 5.42
N SER B 91 5.71 8.30 4.86
CA SER B 91 4.53 7.82 5.62
C SER B 91 4.82 6.71 6.66
N TRP B 92 5.97 6.06 6.54
CA TRP B 92 6.39 5.01 7.47
C TRP B 92 6.77 5.60 8.84
N ALA B 93 7.17 6.87 8.85
CA ALA B 93 7.36 7.61 10.09
C ALA B 93 6.00 7.92 10.71
N ALA B 94 5.03 8.27 9.88
CA ALA B 94 3.65 8.42 10.31
C ALA B 94 3.06 7.06 10.67
N ASP B 95 2.00 7.05 11.47
CA ASP B 95 1.47 5.79 11.98
C ASP B 95 0.59 5.04 10.97
N GLU B 96 -0.70 5.41 10.92
CA GLU B 96 -1.69 4.68 10.10
C GLU B 96 -2.21 5.46 8.90
N TYR B 97 -2.52 4.74 7.83
CA TYR B 97 -2.99 5.35 6.58
C TYR B 97 -4.47 5.11 6.29
N VAL B 98 -5.19 6.21 6.07
CA VAL B 98 -6.62 6.18 5.80
C VAL B 98 -6.92 6.62 4.36
N VAL B 99 -7.86 5.91 3.73
CA VAL B 99 -8.24 6.17 2.35
C VAL B 99 -9.49 7.04 2.29
N LYS B 100 -9.36 8.21 1.67
CA LYS B 100 -10.48 9.16 1.60
C LYS B 100 -11.54 8.76 0.60
N SER B 101 -12.61 8.21 1.13
CA SER B 101 -13.84 8.03 0.38
C SER B 101 -14.94 8.64 1.23
N PHE B 102 -16.12 8.83 0.64
CA PHE B 102 -17.31 9.29 1.36
C PHE B 102 -17.58 8.35 2.54
N ASN B 103 -17.03 7.14 2.45
CA ASN B 103 -17.06 6.16 3.51
C ASN B 103 -16.25 6.66 4.69
N PHE B 104 -16.94 6.88 5.80
CA PHE B 104 -16.30 7.38 7.04
C PHE B 104 -16.09 6.26 8.07
N ASP B 105 -16.44 5.03 7.70
CA ASP B 105 -16.40 3.91 8.63
C ASP B 105 -15.05 3.15 8.65
N GLU B 106 -14.02 3.75 8.05
CA GLU B 106 -12.65 3.22 8.15
C GLU B 106 -11.86 4.01 9.18
N LEU B 107 -11.95 5.34 9.10
CA LEU B 107 -11.27 6.23 10.02
C LEU B 107 -11.75 6.03 11.46
N LYS B 108 -13.06 5.88 11.63
CA LYS B 108 -13.67 5.64 12.94
C LYS B 108 -13.06 4.44 13.65
N GLU B 109 -12.82 3.38 12.89
CA GLU B 109 -12.21 2.15 13.42
C GLU B 109 -10.75 2.36 13.80
N LYS B 110 -10.08 3.27 13.09
CA LYS B 110 -8.64 3.48 13.25
C LYS B 110 -8.28 4.65 14.16
N VAL B 111 -9.21 5.60 14.32
CA VAL B 111 -9.08 6.64 15.33
C VAL B 111 -9.32 6.00 16.70
N LYS B 112 -10.30 5.09 16.73
CA LYS B 112 -10.65 4.35 17.95
C LYS B 112 -9.51 3.45 18.40
N LYS B 113 -8.81 2.84 17.44
CA LYS B 113 -7.70 1.94 17.73
C LYS B 113 -6.53 2.66 18.41
N LEU B 114 -6.05 3.72 17.79
CA LEU B 114 -4.83 4.41 18.23
C LEU B 114 -5.07 5.34 19.43
N LEU B 115 -5.95 4.90 20.34
CA LEU B 115 -6.20 5.62 21.58
C LEU B 115 -6.28 4.65 22.77
N SER B 116 -5.46 3.60 22.72
CA SER B 116 -5.36 2.60 23.80
C SER B 116 -3.94 2.01 23.90
#